data_8YSL
#
_entry.id   8YSL
#
_cell.length_a   35.269
_cell.length_b   46.118
_cell.length_c   60.466
_cell.angle_alpha   74.95
_cell.angle_beta   73.03
_cell.angle_gamma   84.42
#
_symmetry.space_group_name_H-M   'P 1'
#
loop_
_entity.id
_entity.type
_entity.pdbx_description
1 polymer Nucleotidyltransferase
2 non-polymer "ADENOSINE-5'-TRIPHOSPHATE"
3 non-polymer "URIDINE 5'-TRIPHOSPHATE"
4 non-polymer 'MAGNESIUM ION'
5 water water
#
_entity_poly.entity_id   1
_entity_poly.type   'polypeptide(L)'
_entity_poly.pdbx_seq_one_letter_code
;MMAPVQKQFREFHDRIKLAQYDENQTLRDERDAVLTAVREGLKKVFADRGEAAPTFTPFNQGSYAMNTGVKPLEGGEYDI
DVGIILNIAKDDHDPVEVKKWIRDALKDYGNGAEIRRSCVTVFKPGYHVDLAVYADPELSGGTLCIAKGKENSGDEHRLW
QISDPQGFQDRIASKLSGDDAAQFRRCIRYLKRWRDFRFSSDGNAAPLGIGLTAAAYWWFQVSKRTDPVSQNVTYDDRDA
LEQFVQTMLDNFHDTWDSKDQRSYPRLTVELPVQPYNDVFEKMTGMQMESFKSKLQALLNALKTAKSRLELHDACKALAD
HFGSEFPVPEKDKSAVHTAPAIVGSGSSG
;
_entity_poly.pdbx_strand_id   A
#
# COMPACT_ATOMS: atom_id res chain seq x y z
N MET A 1 7.34 -32.03 8.96
CA MET A 1 6.10 -32.03 8.19
C MET A 1 5.53 -30.62 7.99
N MET A 2 4.69 -30.48 6.97
CA MET A 2 4.08 -29.20 6.65
C MET A 2 3.21 -28.70 7.80
N ALA A 3 3.22 -27.38 8.00
CA ALA A 3 2.42 -26.74 9.03
C ALA A 3 0.93 -26.96 8.76
N PRO A 4 0.08 -26.93 9.82
CA PRO A 4 -1.34 -27.32 9.70
C PRO A 4 -2.11 -26.87 8.46
N VAL A 5 -2.25 -25.56 8.24
CA VAL A 5 -3.08 -25.05 7.14
C VAL A 5 -2.20 -24.33 6.12
N GLN A 6 -0.91 -24.68 6.08
CA GLN A 6 0.01 -23.97 5.19
C GLN A 6 -0.38 -24.13 3.73
N LYS A 7 -0.83 -25.31 3.32
CA LYS A 7 -1.20 -25.52 1.92
C LYS A 7 -2.30 -24.56 1.50
N GLN A 8 -3.30 -24.38 2.38
CA GLN A 8 -4.42 -23.52 2.05
C GLN A 8 -4.02 -22.05 2.06
N PHE A 9 -3.11 -21.65 2.96
CA PHE A 9 -2.58 -20.29 2.88
C PHE A 9 -1.87 -20.05 1.55
N ARG A 10 -1.06 -21.02 1.10
CA ARG A 10 -0.35 -20.84 -0.16
C ARG A 10 -1.31 -20.78 -1.34
N GLU A 11 -2.36 -21.60 -1.32
CA GLU A 11 -3.39 -21.53 -2.37
C GLU A 11 -4.12 -20.18 -2.34
N PHE A 12 -4.50 -19.72 -1.15
CA PHE A 12 -5.05 -18.38 -0.97
C PHE A 12 -4.14 -17.32 -1.57
N HIS A 13 -2.84 -17.39 -1.26
CA HIS A 13 -1.90 -16.42 -1.79
C HIS A 13 -1.84 -16.48 -3.31
N ASP A 14 -1.81 -17.70 -3.86
CA ASP A 14 -1.87 -17.88 -5.31
C ASP A 14 -3.07 -17.16 -5.91
N ARG A 15 -4.19 -17.17 -5.19
CA ARG A 15 -5.42 -16.59 -5.73
C ARG A 15 -5.49 -15.09 -5.58
N ILE A 16 -4.82 -14.50 -4.58
CA ILE A 16 -4.93 -13.07 -4.36
C ILE A 16 -3.75 -12.27 -4.93
N LYS A 17 -2.60 -12.90 -5.17
CA LYS A 17 -1.44 -12.15 -5.60
C LYS A 17 -1.65 -11.56 -6.99
N LEU A 18 -1.14 -10.35 -7.18
CA LEU A 18 -1.07 -9.72 -8.48
C LEU A 18 0.40 -9.56 -8.84
N ALA A 19 0.77 -9.97 -10.05
CA ALA A 19 2.18 -9.92 -10.46
C ALA A 19 2.69 -8.48 -10.50
N GLN A 20 3.92 -8.29 -10.05
CA GLN A 20 4.52 -6.97 -10.00
C GLN A 20 4.77 -6.43 -11.41
N TYR A 21 5.18 -5.15 -11.47
CA TYR A 21 5.44 -4.48 -12.74
C TYR A 21 6.33 -5.31 -13.65
N ASP A 22 7.49 -5.76 -13.13
CA ASP A 22 8.47 -6.48 -13.93
C ASP A 22 7.96 -7.84 -14.42
N GLU A 23 6.82 -8.32 -13.91
CA GLU A 23 6.25 -9.60 -14.34
C GLU A 23 4.84 -9.44 -14.89
N ASN A 24 4.40 -8.21 -15.17
CA ASN A 24 3.01 -7.95 -15.54
C ASN A 24 2.99 -6.97 -16.70
N GLN A 25 2.84 -7.49 -17.92
CA GLN A 25 2.90 -6.61 -19.09
C GLN A 25 1.69 -5.70 -19.16
N THR A 26 0.51 -6.16 -18.71
CA THR A 26 -0.67 -5.32 -18.72
C THR A 26 -0.49 -4.08 -17.85
N LEU A 27 0.07 -4.26 -16.65
CA LEU A 27 0.31 -3.11 -15.78
C LEU A 27 1.32 -2.17 -16.40
N ARG A 28 2.40 -2.71 -16.98
CA ARG A 28 3.39 -1.86 -17.64
C ARG A 28 2.76 -1.07 -18.77
N ASP A 29 1.89 -1.70 -19.55
CA ASP A 29 1.28 -1.02 -20.69
C ASP A 29 0.34 0.08 -20.26
N GLU A 30 -0.48 -0.18 -19.22
CA GLU A 30 -1.36 0.88 -18.72
C GLU A 30 -0.57 2.05 -18.13
N ARG A 31 0.45 1.74 -17.32
CA ARG A 31 1.31 2.78 -16.77
C ARG A 31 1.94 3.62 -17.89
N ASP A 32 2.50 2.96 -18.89
CA ASP A 32 3.18 3.66 -19.97
C ASP A 32 2.20 4.48 -20.83
N ALA A 33 0.98 3.98 -21.00
CA ALA A 33 -0.03 4.78 -21.70
C ALA A 33 -0.29 6.08 -20.95
N VAL A 34 -0.42 6.01 -19.62
CA VAL A 34 -0.63 7.23 -18.86
C VAL A 34 0.58 8.16 -18.97
N LEU A 35 1.79 7.59 -18.94
CA LEU A 35 2.99 8.42 -19.03
C LEU A 35 3.07 9.14 -20.38
N THR A 36 2.78 8.42 -21.46
CA THR A 36 2.73 9.07 -22.78
C THR A 36 1.68 10.17 -22.80
N ALA A 37 0.52 9.90 -22.20
CA ALA A 37 -0.54 10.91 -22.15
C ALA A 37 -0.08 12.16 -21.42
N VAL A 38 0.67 11.99 -20.33
CA VAL A 38 1.13 13.19 -19.62
C VAL A 38 2.20 13.92 -20.44
N ARG A 39 3.02 13.20 -21.21
CA ARG A 39 3.98 13.89 -22.07
C ARG A 39 3.29 14.76 -23.11
N GLU A 40 2.33 14.18 -23.84
CA GLU A 40 1.61 14.95 -24.85
C GLU A 40 0.79 16.07 -24.22
N GLY A 41 0.17 15.80 -23.07
CA GLY A 41 -0.58 16.82 -22.38
C GLY A 41 0.29 17.97 -21.92
N LEU A 42 1.53 17.69 -21.49
CA LEU A 42 2.44 18.75 -21.10
C LEU A 42 2.84 19.60 -22.31
N LYS A 43 3.07 18.95 -23.45
CA LYS A 43 3.23 19.71 -24.70
C LYS A 43 2.10 20.71 -24.86
N LYS A 44 0.86 20.22 -24.77
CA LYS A 44 -0.28 21.11 -24.99
C LYS A 44 -0.38 22.18 -23.91
N VAL A 45 -0.09 21.84 -22.65
CA VAL A 45 -0.26 22.78 -21.55
C VAL A 45 0.76 23.91 -21.65
N PHE A 46 1.97 23.60 -22.11
CA PHE A 46 3.01 24.62 -22.24
C PHE A 46 3.02 25.29 -23.61
N ALA A 47 2.17 24.84 -24.54
CA ALA A 47 2.03 25.55 -25.81
C ALA A 47 1.72 27.02 -25.61
N ASP A 48 0.92 27.38 -24.61
CA ASP A 48 0.57 28.76 -24.35
C ASP A 48 1.49 29.41 -23.31
N ARG A 49 2.61 28.78 -22.98
CA ARG A 49 3.62 29.39 -22.14
C ARG A 49 4.80 29.95 -22.94
N GLY A 50 4.91 29.60 -24.21
CA GLY A 50 6.03 30.06 -25.01
C GLY A 50 7.32 29.32 -24.74
N GLU A 51 7.24 28.08 -24.30
CA GLU A 51 8.42 27.33 -23.89
C GLU A 51 8.12 25.86 -24.02
N ALA A 52 9.17 25.07 -24.27
CA ALA A 52 9.03 23.63 -24.31
C ALA A 52 8.64 23.10 -22.94
N ALA A 53 7.80 22.06 -22.92
CA ALA A 53 7.40 21.47 -21.65
C ALA A 53 8.61 20.91 -20.93
N PRO A 54 8.63 20.97 -19.60
CA PRO A 54 9.70 20.34 -18.84
C PRO A 54 9.64 18.82 -18.99
N THR A 55 10.81 18.21 -19.03
CA THR A 55 10.90 16.76 -19.07
C THR A 55 10.74 16.18 -17.66
N PHE A 56 10.45 14.88 -17.60
CA PHE A 56 10.34 14.21 -16.31
C PHE A 56 10.95 12.82 -16.42
N THR A 57 11.36 12.30 -15.25
CA THR A 57 11.85 10.93 -15.13
C THR A 57 10.85 10.11 -14.33
N PRO A 58 10.24 9.08 -14.90
CA PRO A 58 9.29 8.26 -14.15
C PRO A 58 9.98 7.11 -13.42
N PHE A 59 9.33 6.65 -12.36
CA PHE A 59 9.82 5.50 -11.62
C PHE A 59 8.66 4.78 -10.96
N ASN A 60 8.77 3.45 -10.89
CA ASN A 60 7.73 2.63 -10.28
C ASN A 60 7.60 2.93 -8.80
N GLN A 61 6.35 3.01 -8.31
CA GLN A 61 6.05 3.20 -6.91
C GLN A 61 5.05 2.15 -6.43
N GLY A 62 4.88 2.07 -5.12
CA GLY A 62 3.80 1.28 -4.56
C GLY A 62 3.97 -0.23 -4.65
N SER A 63 2.84 -0.91 -4.43
CA SER A 63 2.85 -2.36 -4.25
C SER A 63 3.26 -3.07 -5.52
N TYR A 64 2.92 -2.52 -6.69
CA TYR A 64 3.31 -3.18 -7.93
C TYR A 64 4.81 -3.04 -8.18
N ALA A 65 5.45 -2.06 -7.58
CA ALA A 65 6.91 -1.99 -7.59
C ALA A 65 7.53 -2.89 -6.53
N MET A 66 6.86 -3.03 -5.38
CA MET A 66 7.41 -3.78 -4.26
C MET A 66 7.02 -5.25 -4.27
N ASN A 67 6.25 -5.71 -5.26
CA ASN A 67 5.79 -7.10 -5.31
C ASN A 67 4.95 -7.45 -4.08
N THR A 68 4.10 -6.51 -3.67
CA THR A 68 3.15 -6.72 -2.58
C THR A 68 1.71 -6.49 -3.04
N GLY A 69 1.47 -6.50 -4.36
CA GLY A 69 0.16 -6.16 -4.87
C GLY A 69 -0.80 -7.34 -4.79
N VAL A 70 -2.09 -7.01 -4.66
CA VAL A 70 -3.16 -8.00 -4.62
C VAL A 70 -4.17 -7.66 -5.71
N LYS A 71 -4.86 -8.69 -6.17
CA LYS A 71 -5.97 -8.45 -7.08
C LYS A 71 -7.11 -7.77 -6.32
N PRO A 72 -7.78 -6.80 -6.93
CA PRO A 72 -8.96 -6.23 -6.28
C PRO A 72 -10.10 -7.24 -6.20
N LEU A 73 -10.96 -7.04 -5.22
CA LEU A 73 -12.22 -7.78 -5.21
C LEU A 73 -13.07 -7.36 -6.41
N GLU A 74 -14.07 -8.19 -6.71
CA GLU A 74 -14.95 -7.89 -7.83
C GLU A 74 -15.59 -6.52 -7.64
N GLY A 75 -15.49 -5.67 -8.65
CA GLY A 75 -15.95 -4.31 -8.57
C GLY A 75 -14.91 -3.30 -8.14
N GLY A 76 -13.75 -3.76 -7.66
CA GLY A 76 -12.67 -2.86 -7.28
C GLY A 76 -11.78 -2.50 -8.45
N GLU A 77 -10.81 -1.62 -8.18
CA GLU A 77 -9.93 -1.09 -9.20
C GLU A 77 -8.47 -1.42 -8.89
N TYR A 78 -7.69 -1.57 -9.94
CA TYR A 78 -6.24 -1.61 -9.81
C TYR A 78 -5.72 -0.22 -9.46
N ASP A 79 -4.57 -0.20 -8.79
CA ASP A 79 -3.98 1.02 -8.23
C ASP A 79 -2.55 1.09 -8.76
N ILE A 80 -2.35 1.80 -9.87
CA ILE A 80 -1.05 1.86 -10.52
C ILE A 80 -0.32 3.09 -9.99
N ASP A 81 0.69 2.87 -9.15
CA ASP A 81 1.42 3.95 -8.48
C ASP A 81 2.70 4.23 -9.25
N VAL A 82 2.90 5.50 -9.65
CA VAL A 82 4.10 5.90 -10.34
C VAL A 82 4.53 7.27 -9.81
N GLY A 83 5.84 7.51 -9.80
CA GLY A 83 6.39 8.82 -9.47
C GLY A 83 6.97 9.44 -10.73
N ILE A 84 6.85 10.76 -10.85
CA ILE A 84 7.46 11.48 -11.96
C ILE A 84 8.24 12.66 -11.38
N ILE A 85 9.53 12.70 -11.65
CA ILE A 85 10.41 13.77 -11.21
C ILE A 85 10.52 14.76 -12.35
N LEU A 86 9.86 15.91 -12.23
CA LEU A 86 9.94 16.93 -13.25
C LEU A 86 11.28 17.66 -13.15
N ASN A 87 11.78 18.08 -14.32
CA ASN A 87 13.06 18.77 -14.41
C ASN A 87 12.86 20.26 -14.07
N ILE A 88 12.48 20.50 -12.82
CA ILE A 88 12.17 21.85 -12.34
C ILE A 88 12.77 22.06 -10.96
N ALA A 89 12.98 23.32 -10.61
CA ALA A 89 13.44 23.71 -9.28
C ALA A 89 12.23 23.96 -8.38
N LYS A 90 12.22 23.32 -7.22
CA LYS A 90 11.03 23.37 -6.37
C LYS A 90 10.72 24.79 -5.89
N ASP A 91 11.76 25.60 -5.65
CA ASP A 91 11.53 26.96 -5.17
C ASP A 91 11.02 27.89 -6.25
N ASP A 92 11.11 27.50 -7.52
CA ASP A 92 10.62 28.32 -8.62
C ASP A 92 9.14 28.10 -8.91
N HIS A 93 8.49 27.14 -8.25
CA HIS A 93 7.14 26.76 -8.62
C HIS A 93 6.33 26.37 -7.39
N ASP A 94 5.04 26.57 -7.49
CA ASP A 94 4.08 26.17 -6.47
C ASP A 94 3.71 24.69 -6.66
N PRO A 95 3.64 23.91 -5.57
CA PRO A 95 3.32 22.47 -5.73
C PRO A 95 2.00 22.23 -6.43
N VAL A 96 0.96 22.97 -6.04
CA VAL A 96 -0.35 22.83 -6.67
C VAL A 96 -0.28 23.27 -8.13
N GLU A 97 0.56 24.26 -8.44
CA GLU A 97 0.74 24.67 -9.84
C GLU A 97 1.30 23.54 -10.69
N VAL A 98 2.32 22.83 -10.19
CA VAL A 98 2.93 21.74 -10.94
C VAL A 98 1.95 20.56 -11.06
N LYS A 99 1.27 20.22 -9.96
CA LYS A 99 0.27 19.17 -10.06
C LYS A 99 -0.86 19.56 -11.01
N LYS A 100 -1.17 20.86 -11.10
CA LYS A 100 -2.18 21.28 -12.07
C LYS A 100 -1.67 21.16 -13.49
N TRP A 101 -0.38 21.44 -13.72
CA TRP A 101 0.23 21.08 -14.99
C TRP A 101 -0.11 19.65 -15.37
N ILE A 102 0.16 18.73 -14.45
CA ILE A 102 -0.05 17.31 -14.75
C ILE A 102 -1.52 17.00 -14.94
N ARG A 103 -2.39 17.57 -14.09
CA ARG A 103 -3.82 17.30 -14.19
C ARG A 103 -4.40 17.82 -15.50
N ASP A 104 -4.03 19.04 -15.90
CA ASP A 104 -4.47 19.59 -17.18
C ASP A 104 -3.91 18.78 -18.34
N ALA A 105 -2.71 18.22 -18.18
CA ALA A 105 -2.16 17.36 -19.21
C ALA A 105 -3.07 16.15 -19.46
N LEU A 106 -3.65 15.61 -18.39
CA LEU A 106 -4.51 14.43 -18.46
C LEU A 106 -5.99 14.79 -18.45
N LYS A 107 -6.33 16.04 -18.80
CA LYS A 107 -7.71 16.52 -18.65
C LYS A 107 -8.68 15.67 -19.46
N ASP A 108 -8.29 15.25 -20.66
CA ASP A 108 -9.17 14.53 -21.58
C ASP A 108 -8.77 13.07 -21.75
N TYR A 109 -8.15 12.49 -20.72
CA TYR A 109 -7.73 11.10 -20.74
C TYR A 109 -8.65 10.30 -19.82
N GLY A 110 -9.30 9.28 -20.38
CA GLY A 110 -10.16 8.40 -19.60
C GLY A 110 -11.28 9.14 -18.91
N ASN A 111 -11.66 8.64 -17.73
CA ASN A 111 -12.73 9.24 -16.94
C ASN A 111 -12.35 10.58 -16.33
N GLY A 112 -11.13 11.04 -16.52
CA GLY A 112 -10.68 12.32 -16.00
C GLY A 112 -9.46 12.17 -15.11
N ALA A 113 -9.03 13.32 -14.59
CA ALA A 113 -7.88 13.39 -13.69
C ALA A 113 -8.12 14.49 -12.67
N GLU A 114 -7.58 14.29 -11.47
CA GLU A 114 -7.84 15.23 -10.39
C GLU A 114 -6.61 15.36 -9.49
N ILE A 115 -6.48 16.55 -8.92
CA ILE A 115 -5.40 16.87 -7.99
C ILE A 115 -5.81 16.44 -6.60
N ARG A 116 -5.02 15.57 -5.99
CA ARG A 116 -5.20 15.14 -4.62
C ARG A 116 -3.99 15.60 -3.81
N ARG A 117 -4.17 15.66 -2.49
CA ARG A 117 -3.17 16.25 -1.61
C ARG A 117 -1.77 15.72 -1.90
N SER A 118 -1.66 14.46 -2.31
CA SER A 118 -0.35 13.85 -2.49
C SER A 118 -0.05 13.43 -3.92
N CYS A 119 -0.98 13.61 -4.86
CA CYS A 119 -0.71 13.08 -6.20
C CYS A 119 -1.70 13.68 -7.19
N VAL A 120 -1.57 13.26 -8.45
CA VAL A 120 -2.58 13.47 -9.46
C VAL A 120 -3.09 12.09 -9.85
N THR A 121 -4.39 11.87 -9.71
CA THR A 121 -4.98 10.58 -10.02
C THR A 121 -5.77 10.68 -11.31
N VAL A 122 -5.51 9.77 -12.23
CA VAL A 122 -6.27 9.66 -13.48
C VAL A 122 -7.04 8.35 -13.44
N PHE A 123 -8.27 8.39 -13.94
CA PHE A 123 -9.18 7.26 -13.83
C PHE A 123 -9.38 6.59 -15.18
N LYS A 124 -9.60 5.27 -15.15
CA LYS A 124 -9.72 4.45 -16.34
C LYS A 124 -10.61 3.27 -15.99
N PRO A 125 -11.33 2.69 -16.97
CA PRO A 125 -12.20 1.53 -16.66
C PRO A 125 -11.45 0.43 -15.93
N GLY A 126 -11.74 0.28 -14.64
CA GLY A 126 -11.18 -0.79 -13.85
C GLY A 126 -9.90 -0.46 -13.10
N TYR A 127 -9.35 0.74 -13.27
CA TYR A 127 -8.13 1.07 -12.53
C TYR A 127 -7.90 2.57 -12.54
N HIS A 128 -7.09 3.01 -11.57
CA HIS A 128 -6.66 4.40 -11.50
C HIS A 128 -5.15 4.43 -11.36
N VAL A 129 -4.55 5.46 -11.94
CA VAL A 129 -3.11 5.70 -11.87
C VAL A 129 -2.87 6.91 -10.98
N ASP A 130 -2.06 6.71 -9.94
CA ASP A 130 -1.68 7.76 -9.00
C ASP A 130 -0.25 8.19 -9.33
N LEU A 131 -0.11 9.40 -9.85
CA LEU A 131 1.18 9.97 -10.19
C LEU A 131 1.60 10.92 -9.07
N ALA A 132 2.56 10.48 -8.27
CA ALA A 132 3.23 11.38 -7.35
C ALA A 132 4.16 12.27 -8.14
N VAL A 133 4.20 13.55 -7.77
CA VAL A 133 4.85 14.58 -8.57
C VAL A 133 5.98 15.16 -7.73
N TYR A 134 7.20 15.11 -8.27
CA TYR A 134 8.38 15.54 -7.54
C TYR A 134 9.15 16.58 -8.33
N ALA A 135 9.92 17.38 -7.62
CA ALA A 135 10.86 18.31 -8.25
C ALA A 135 12.22 17.64 -8.42
N ASP A 136 13.02 18.19 -9.32
CA ASP A 136 14.35 17.64 -9.60
C ASP A 136 15.27 17.90 -8.42
N PRO A 137 15.84 16.87 -7.79
CA PRO A 137 16.78 17.11 -6.69
C PRO A 137 17.99 17.93 -7.11
N GLU A 138 18.47 17.78 -8.34
CA GLU A 138 19.63 18.55 -8.80
C GLU A 138 19.36 20.04 -8.79
N LEU A 139 18.10 20.43 -8.99
CA LEU A 139 17.71 21.83 -9.03
C LEU A 139 17.02 22.30 -7.76
N SER A 140 16.91 21.42 -6.76
CA SER A 140 16.15 21.71 -5.54
C SER A 140 16.97 21.47 -4.29
N GLY A 141 18.30 21.62 -4.39
CA GLY A 141 19.14 21.50 -3.23
C GLY A 141 19.49 20.08 -2.84
N GLY A 142 19.32 19.12 -3.73
CA GLY A 142 19.70 17.75 -3.47
C GLY A 142 18.65 16.89 -2.78
N THR A 143 17.48 17.45 -2.48
CA THR A 143 16.42 16.73 -1.80
C THR A 143 15.30 16.40 -2.79
N LEU A 144 14.74 15.20 -2.65
CA LEU A 144 13.59 14.79 -3.46
C LEU A 144 12.32 15.20 -2.72
N CYS A 145 11.53 16.09 -3.30
CA CYS A 145 10.35 16.63 -2.65
C CYS A 145 9.11 16.34 -3.51
N ILE A 146 8.07 15.87 -2.85
CA ILE A 146 6.77 15.60 -3.46
C ILE A 146 5.90 16.85 -3.29
N ALA A 147 5.03 17.09 -4.26
CA ALA A 147 4.16 18.26 -4.27
C ALA A 147 2.91 17.96 -3.45
N LYS A 148 2.80 18.57 -2.27
CA LYS A 148 1.71 18.35 -1.34
C LYS A 148 0.78 19.55 -1.35
N GLY A 149 -0.53 19.27 -1.26
CA GLY A 149 -1.52 20.34 -1.24
C GLY A 149 -2.44 20.33 -2.43
N LYS A 150 -3.64 20.89 -2.26
CA LYS A 150 -4.62 21.04 -3.32
C LYS A 150 -5.11 22.48 -3.32
N GLU A 151 -6.00 22.79 -4.27
CA GLU A 151 -6.59 24.12 -4.29
C GLU A 151 -7.39 24.38 -3.01
N ASN A 152 -8.18 23.39 -2.58
CA ASN A 152 -8.95 23.53 -1.35
C ASN A 152 -8.08 23.51 -0.11
N SER A 153 -6.86 22.97 -0.20
CA SER A 153 -6.00 22.87 0.98
C SER A 153 -5.69 24.24 1.57
N GLY A 154 -5.56 25.26 0.73
CA GLY A 154 -5.36 26.61 1.22
C GLY A 154 -3.97 27.15 1.01
N ASP A 155 -3.24 27.37 2.11
CA ASP A 155 -1.94 28.00 2.07
C ASP A 155 -0.95 27.28 2.97
N GLU A 156 -1.43 26.82 4.14
CA GLU A 156 -0.55 26.17 5.11
C GLU A 156 -0.25 24.73 4.74
N HIS A 157 -1.20 24.04 4.11
CA HIS A 157 -1.05 22.62 3.77
C HIS A 157 -0.55 22.42 2.34
N ARG A 158 0.21 23.38 1.81
CA ARG A 158 0.68 23.35 0.43
C ARG A 158 2.19 23.56 0.43
N LEU A 159 2.95 22.52 0.09
CA LEU A 159 4.39 22.60 0.24
C LEU A 159 5.08 21.51 -0.58
N TRP A 160 6.38 21.68 -0.76
CA TRP A 160 7.24 20.63 -1.29
C TRP A 160 7.80 19.87 -0.10
N GLN A 161 7.36 18.63 0.09
CA GLN A 161 7.74 17.85 1.26
C GLN A 161 8.82 16.84 0.90
N ILE A 162 9.86 16.77 1.73
CA ILE A 162 10.90 15.78 1.53
C ILE A 162 10.29 14.38 1.53
N SER A 163 10.73 13.55 0.60
CA SER A 163 10.11 12.27 0.34
C SER A 163 11.20 11.27 -0.06
N ASP A 164 10.95 9.98 0.19
CA ASP A 164 11.94 8.96 -0.14
C ASP A 164 11.25 7.67 -0.53
N PRO A 165 10.46 7.66 -1.62
CA PRO A 165 9.74 6.43 -1.97
C PRO A 165 10.66 5.29 -2.38
N GLN A 166 11.76 5.59 -3.08
CA GLN A 166 12.66 4.51 -3.45
C GLN A 166 13.42 3.98 -2.24
N GLY A 167 13.73 4.85 -1.27
CA GLY A 167 14.28 4.37 -0.01
C GLY A 167 13.32 3.44 0.72
N PHE A 168 12.03 3.80 0.74
CA PHE A 168 11.04 2.91 1.35
C PHE A 168 10.96 1.58 0.61
N GLN A 169 10.94 1.63 -0.72
CA GLN A 169 10.85 0.40 -1.49
C GLN A 169 12.06 -0.48 -1.24
N ASP A 170 13.25 0.15 -1.17
CA ASP A 170 14.47 -0.57 -0.84
C ASP A 170 14.37 -1.21 0.54
N ARG A 171 13.79 -0.50 1.51
CA ARG A 171 13.62 -1.05 2.85
C ARG A 171 12.73 -2.28 2.84
N ILE A 172 11.65 -2.24 2.05
CA ILE A 172 10.76 -3.38 2.00
C ILE A 172 11.43 -4.55 1.29
N ALA A 173 12.18 -4.28 0.22
CA ALA A 173 12.86 -5.35 -0.50
C ALA A 173 14.02 -5.95 0.30
N SER A 174 14.64 -5.16 1.18
CA SER A 174 15.90 -5.57 1.78
C SER A 174 15.76 -6.16 3.17
N LYS A 175 14.58 -6.05 3.80
CA LYS A 175 14.45 -6.47 5.19
C LYS A 175 14.85 -7.94 5.36
N LEU A 176 14.49 -8.76 4.38
CA LEU A 176 14.77 -10.19 4.38
C LEU A 176 15.16 -10.58 2.97
N SER A 177 15.51 -11.85 2.78
CA SER A 177 15.85 -12.33 1.44
C SER A 177 15.20 -13.68 1.22
N GLY A 178 15.18 -14.11 -0.05
CA GLY A 178 14.80 -15.47 -0.38
C GLY A 178 13.38 -15.81 0.06
N ASP A 179 13.22 -17.04 0.57
CA ASP A 179 11.90 -17.51 1.00
C ASP A 179 11.42 -16.81 2.28
N ASP A 180 12.33 -16.29 3.10
CA ASP A 180 11.91 -15.45 4.22
C ASP A 180 11.15 -14.22 3.70
N ALA A 181 11.75 -13.54 2.73
CA ALA A 181 11.11 -12.38 2.13
C ALA A 181 9.83 -12.77 1.40
N ALA A 182 9.80 -13.97 0.84
CA ALA A 182 8.57 -14.49 0.26
C ALA A 182 7.45 -14.54 1.31
N GLN A 183 7.74 -15.10 2.49
CA GLN A 183 6.70 -15.17 3.51
C GLN A 183 6.27 -13.78 3.96
N PHE A 184 7.23 -12.87 4.15
CA PHE A 184 6.95 -11.47 4.45
C PHE A 184 5.94 -10.88 3.47
N ARG A 185 6.22 -11.00 2.17
CA ARG A 185 5.33 -10.45 1.15
C ARG A 185 3.97 -11.15 1.16
N ARG A 186 3.96 -12.48 1.36
CA ARG A 186 2.68 -13.18 1.43
C ARG A 186 1.81 -12.64 2.56
N CYS A 187 2.42 -12.33 3.70
CA CYS A 187 1.62 -11.91 4.85
C CYS A 187 1.10 -10.50 4.66
N ILE A 188 1.91 -9.62 4.05
CA ILE A 188 1.39 -8.32 3.65
C ILE A 188 0.17 -8.48 2.74
N ARG A 189 0.27 -9.39 1.75
CA ARG A 189 -0.86 -9.60 0.85
C ARG A 189 -2.08 -10.14 1.57
N TYR A 190 -1.88 -11.11 2.48
CA TYR A 190 -3.00 -11.67 3.25
C TYR A 190 -3.74 -10.55 3.96
N LEU A 191 -2.98 -9.64 4.58
CA LEU A 191 -3.62 -8.56 5.33
C LEU A 191 -4.29 -7.55 4.40
N LYS A 192 -3.77 -7.37 3.18
CA LYS A 192 -4.46 -6.51 2.23
C LYS A 192 -5.80 -7.10 1.81
N ARG A 193 -5.86 -8.42 1.60
CA ARG A 193 -7.15 -9.02 1.25
C ARG A 193 -8.11 -9.00 2.44
N TRP A 194 -7.60 -9.23 3.66
CA TRP A 194 -8.41 -9.04 4.86
C TRP A 194 -8.96 -7.62 4.91
N ARG A 195 -8.12 -6.62 4.62
CA ARG A 195 -8.56 -5.23 4.55
C ARG A 195 -9.71 -5.06 3.55
N ASP A 196 -9.54 -5.62 2.35
CA ASP A 196 -10.58 -5.44 1.34
C ASP A 196 -11.87 -6.17 1.72
N PHE A 197 -11.76 -7.31 2.39
CA PHE A 197 -12.95 -8.09 2.71
C PHE A 197 -13.72 -7.51 3.89
N ARG A 198 -13.02 -7.03 4.92
CA ARG A 198 -13.68 -6.63 6.15
C ARG A 198 -13.78 -5.13 6.36
N PHE A 199 -13.30 -4.32 5.42
CA PHE A 199 -13.43 -2.87 5.53
C PHE A 199 -14.14 -2.30 4.30
N SER A 200 -15.00 -3.11 3.67
CA SER A 200 -15.74 -2.70 2.48
C SER A 200 -16.94 -1.82 2.78
N SER A 201 -17.50 -1.91 4.00
CA SER A 201 -18.65 -1.07 4.35
C SER A 201 -18.27 0.39 4.46
N ASP A 202 -16.99 0.69 4.73
CA ASP A 202 -16.54 2.08 4.90
C ASP A 202 -15.07 2.12 4.46
N GLY A 203 -14.87 2.36 3.16
CA GLY A 203 -13.52 2.38 2.61
C GLY A 203 -12.63 3.42 3.26
N ASN A 204 -13.21 4.53 3.73
CA ASN A 204 -12.41 5.54 4.41
C ASN A 204 -11.87 5.01 5.74
N ALA A 205 -12.59 4.11 6.39
CA ALA A 205 -12.14 3.53 7.66
C ALA A 205 -11.06 2.49 7.48
N ALA A 206 -10.75 2.07 6.25
CA ALA A 206 -9.90 0.90 6.05
C ALA A 206 -8.44 1.24 6.35
N PRO A 207 -7.70 0.32 6.98
CA PRO A 207 -6.26 0.54 7.19
C PRO A 207 -5.53 0.42 5.86
N LEU A 208 -4.86 1.50 5.47
CA LEU A 208 -4.23 1.55 4.16
C LEU A 208 -3.25 0.40 3.99
N GLY A 209 -3.11 -0.06 2.75
CA GLY A 209 -2.09 -1.04 2.43
C GLY A 209 -0.70 -0.56 2.78
N ILE A 210 -0.42 0.74 2.59
CA ILE A 210 0.89 1.27 2.95
C ILE A 210 1.11 1.16 4.45
N GLY A 211 0.05 1.37 5.24
CA GLY A 211 0.16 1.20 6.67
C GLY A 211 0.50 -0.22 7.07
N LEU A 212 -0.18 -1.20 6.47
CA LEU A 212 0.11 -2.60 6.77
C LEU A 212 1.51 -2.98 6.30
N THR A 213 1.96 -2.41 5.17
CA THR A 213 3.30 -2.70 4.68
C THR A 213 4.37 -2.15 5.62
N ALA A 214 4.20 -0.91 6.09
CA ALA A 214 5.15 -0.35 7.03
C ALA A 214 5.10 -1.10 8.37
N ALA A 215 3.90 -1.47 8.83
CA ALA A 215 3.80 -2.26 10.05
C ALA A 215 4.55 -3.58 9.91
N ALA A 216 4.42 -4.24 8.75
CA ALA A 216 5.19 -5.46 8.53
C ALA A 216 6.68 -5.20 8.56
N TYR A 217 7.12 -4.09 7.95
CA TYR A 217 8.53 -3.72 8.03
C TYR A 217 9.00 -3.67 9.48
N TRP A 218 8.20 -3.06 10.36
CA TRP A 218 8.65 -2.94 11.75
C TRP A 218 8.53 -4.24 12.52
N TRP A 219 7.50 -5.04 12.25
CA TRP A 219 7.11 -6.06 13.20
C TRP A 219 6.98 -7.48 12.66
N PHE A 220 7.02 -7.69 11.36
CA PHE A 220 6.92 -9.06 10.85
C PHE A 220 8.11 -9.88 11.29
N GLN A 221 7.85 -11.13 11.68
CA GLN A 221 8.90 -12.09 12.00
C GLN A 221 8.65 -13.38 11.21
N VAL A 222 9.70 -13.93 10.61
CA VAL A 222 9.56 -15.17 9.87
C VAL A 222 9.14 -16.30 10.82
N SER A 223 8.33 -17.21 10.31
CA SER A 223 8.00 -18.44 11.03
C SER A 223 8.31 -19.63 10.13
N LYS A 224 9.26 -20.46 10.53
CA LYS A 224 9.66 -21.61 9.75
C LYS A 224 10.23 -22.68 10.66
N ARG A 225 10.29 -23.90 10.14
CA ARG A 225 10.80 -25.07 10.84
C ARG A 225 11.80 -25.79 9.95
N THR A 226 12.92 -26.20 10.53
CA THR A 226 13.95 -26.96 9.85
C THR A 226 13.95 -28.38 10.40
N ASP A 227 13.68 -29.35 9.54
CA ASP A 227 13.58 -30.74 9.98
C ASP A 227 14.94 -31.21 10.51
N PRO A 228 14.98 -31.88 11.67
CA PRO A 228 16.28 -32.25 12.25
C PRO A 228 17.00 -33.38 11.52
N VAL A 229 16.37 -34.01 10.54
CA VAL A 229 16.97 -35.10 9.79
C VAL A 229 17.36 -34.66 8.38
N SER A 230 16.42 -34.09 7.64
CA SER A 230 16.65 -33.69 6.25
C SER A 230 17.09 -32.24 6.12
N GLN A 231 16.98 -31.44 7.19
CA GLN A 231 17.17 -30.00 7.16
C GLN A 231 16.21 -29.32 6.19
N ASN A 232 15.15 -30.02 5.79
CA ASN A 232 14.13 -29.46 4.92
C ASN A 232 13.33 -28.39 5.66
N VAL A 233 13.18 -27.22 5.04
CA VAL A 233 12.57 -26.07 5.69
C VAL A 233 11.13 -25.93 5.22
N THR A 234 10.21 -25.79 6.18
CA THR A 234 8.80 -25.51 5.90
C THR A 234 8.39 -24.22 6.57
N TYR A 235 7.60 -23.41 5.87
CA TYR A 235 7.14 -22.15 6.43
C TYR A 235 5.76 -22.32 7.04
N ASP A 236 5.45 -21.46 8.02
CA ASP A 236 4.22 -21.54 8.79
C ASP A 236 3.58 -20.15 8.73
N ASP A 237 2.84 -19.90 7.64
CA ASP A 237 2.23 -18.58 7.45
C ASP A 237 1.21 -18.27 8.54
N ARG A 238 0.47 -19.29 9.00
CA ARG A 238 -0.52 -19.05 10.05
C ARG A 238 0.15 -18.53 11.31
N ASP A 239 1.25 -19.18 11.72
CA ASP A 239 1.97 -18.72 12.91
C ASP A 239 2.61 -17.36 12.67
N ALA A 240 3.19 -17.14 11.49
CA ALA A 240 3.79 -15.85 11.20
C ALA A 240 2.76 -14.73 11.31
N LEU A 241 1.55 -14.95 10.76
CA LEU A 241 0.49 -13.97 10.87
C LEU A 241 0.02 -13.79 12.30
N GLU A 242 -0.07 -14.88 13.07
CA GLU A 242 -0.48 -14.75 14.47
C GLU A 242 0.50 -13.85 15.22
N GLN A 243 1.80 -14.11 15.08
CA GLN A 243 2.80 -13.28 15.76
C GLN A 243 2.72 -11.83 15.31
N PHE A 244 2.61 -11.61 13.99
CA PHE A 244 2.58 -10.25 13.46
C PHE A 244 1.35 -9.49 13.93
N VAL A 245 0.17 -10.14 13.89
CA VAL A 245 -1.05 -9.48 14.32
C VAL A 245 -1.01 -9.21 15.81
N GLN A 246 -0.52 -10.16 16.60
CA GLN A 246 -0.39 -9.91 18.03
C GLN A 246 0.53 -8.73 18.30
N THR A 247 1.63 -8.61 17.54
CA THR A 247 2.56 -7.50 17.80
C THR A 247 1.93 -6.17 17.41
N MET A 248 1.21 -6.13 16.29
CA MET A 248 0.44 -4.93 15.96
C MET A 248 -0.53 -4.56 17.08
N LEU A 249 -1.33 -5.52 17.53
CA LEU A 249 -2.27 -5.27 18.63
C LEU A 249 -1.56 -4.74 19.87
N ASP A 250 -0.40 -5.32 20.19
CA ASP A 250 0.40 -4.87 21.32
C ASP A 250 0.88 -3.44 21.17
N ASN A 251 0.92 -2.92 19.94
CA ASN A 251 1.39 -1.56 19.75
C ASN A 251 0.27 -0.53 19.63
N PHE A 252 -0.99 -0.92 19.84
CA PHE A 252 -2.04 0.06 20.02
C PHE A 252 -1.89 0.72 21.40
N HIS A 253 -2.12 2.04 21.46
CA HIS A 253 -2.08 2.78 22.72
C HIS A 253 -3.34 3.60 22.86
N ASP A 254 -3.94 3.56 24.05
CA ASP A 254 -5.08 4.44 24.33
C ASP A 254 -4.64 5.89 24.29
N THR A 255 -5.42 6.72 23.60
CA THR A 255 -5.03 8.08 23.26
C THR A 255 -6.20 8.99 23.60
N TRP A 256 -5.97 9.93 24.51
CA TRP A 256 -7.03 10.80 24.97
C TRP A 256 -7.48 11.75 23.87
N ASP A 257 -8.79 11.94 23.78
CA ASP A 257 -9.39 12.97 22.94
C ASP A 257 -10.21 13.89 23.84
N SER A 258 -9.79 15.16 23.88
CA SER A 258 -10.42 16.14 24.75
C SER A 258 -11.80 16.53 24.25
N LYS A 259 -11.99 16.57 22.93
CA LYS A 259 -13.30 16.90 22.38
C LYS A 259 -14.34 15.86 22.80
N ASP A 260 -14.07 14.59 22.54
CA ASP A 260 -15.01 13.53 22.90
C ASP A 260 -14.91 13.13 24.36
N GLN A 261 -13.91 13.64 25.08
CA GLN A 261 -13.73 13.32 26.50
C GLN A 261 -13.60 11.81 26.72
N ARG A 262 -12.80 11.16 25.87
CA ARG A 262 -12.56 9.73 26.08
C ARG A 262 -11.29 9.34 25.34
N SER A 263 -10.84 8.12 25.57
CA SER A 263 -9.67 7.61 24.86
C SER A 263 -10.11 6.74 23.70
N TYR A 264 -9.27 6.71 22.65
CA TYR A 264 -9.41 5.76 21.56
C TYR A 264 -8.10 5.01 21.38
N PRO A 265 -8.14 3.73 21.04
CA PRO A 265 -6.88 3.01 20.79
C PRO A 265 -6.31 3.42 19.44
N ARG A 266 -5.02 3.75 19.41
CA ARG A 266 -4.37 4.22 18.20
C ARG A 266 -3.11 3.42 17.94
N LEU A 267 -2.96 2.93 16.72
CA LEU A 267 -1.72 2.35 16.23
C LEU A 267 -0.97 3.42 15.43
N THR A 268 0.22 3.77 15.90
CA THR A 268 1.11 4.68 15.19
C THR A 268 2.17 3.86 14.46
N VAL A 269 2.32 4.10 13.16
CA VAL A 269 3.28 3.36 12.36
C VAL A 269 4.08 4.39 11.57
N GLU A 270 5.26 4.72 12.05
CA GLU A 270 6.13 5.67 11.36
C GLU A 270 6.67 5.07 10.07
N LEU A 271 6.67 5.86 9.02
CA LEU A 271 7.43 5.50 7.83
C LEU A 271 8.90 5.40 8.23
N PRO A 272 9.62 4.35 7.78
CA PRO A 272 11.03 4.21 8.16
C PRO A 272 11.98 5.07 7.37
N VAL A 273 11.47 5.91 6.46
CA VAL A 273 12.25 6.87 5.70
C VAL A 273 11.55 8.21 5.77
N GLN A 274 12.17 9.24 5.21
CA GLN A 274 11.55 10.55 5.16
C GLN A 274 10.19 10.45 4.48
N PRO A 275 9.17 11.18 4.98
CA PRO A 275 9.29 12.13 6.09
C PRO A 275 9.02 11.54 7.47
N TYR A 276 9.12 10.22 7.63
CA TYR A 276 8.97 9.59 8.94
C TYR A 276 7.59 9.85 9.56
N ASN A 277 6.57 9.98 8.72
CA ASN A 277 5.23 10.31 9.19
C ASN A 277 4.50 9.05 9.65
N ASP A 278 3.55 9.26 10.56
CA ASP A 278 2.62 8.20 10.96
C ASP A 278 1.69 7.90 9.80
N VAL A 279 1.86 6.74 9.17
CA VAL A 279 1.08 6.43 7.97
C VAL A 279 -0.41 6.23 8.31
N PHE A 280 -0.74 6.01 9.58
CA PHE A 280 -2.13 5.84 10.01
C PHE A 280 -2.74 7.12 10.57
N GLU A 281 -2.05 8.27 10.44
CA GLU A 281 -2.48 9.47 11.16
C GLU A 281 -3.87 9.95 10.74
N LYS A 282 -4.28 9.66 9.50
CA LYS A 282 -5.58 10.14 9.04
C LYS A 282 -6.76 9.35 9.59
N MET A 283 -6.54 8.12 10.06
CA MET A 283 -7.65 7.36 10.62
C MET A 283 -8.12 7.98 11.92
N THR A 284 -9.45 8.09 12.08
CA THR A 284 -9.99 8.67 13.30
C THR A 284 -9.88 7.68 14.46
N GLY A 285 -10.19 8.17 15.66
CA GLY A 285 -10.14 7.30 16.82
C GLY A 285 -11.17 6.18 16.75
N MET A 286 -12.38 6.49 16.27
CA MET A 286 -13.41 5.47 16.12
C MET A 286 -13.02 4.43 15.06
N GLN A 287 -12.45 4.89 13.95
CA GLN A 287 -11.96 3.98 12.93
C GLN A 287 -10.83 3.11 13.48
N MET A 288 -9.98 3.70 14.32
CA MET A 288 -8.92 2.92 14.96
C MET A 288 -9.49 1.86 15.90
N GLU A 289 -10.52 2.22 16.67
CA GLU A 289 -11.16 1.25 17.54
C GLU A 289 -11.73 0.08 16.74
N SER A 290 -12.38 0.38 15.62
CA SER A 290 -12.91 -0.69 14.78
C SER A 290 -11.79 -1.53 14.17
N PHE A 291 -10.74 -0.86 13.69
CA PHE A 291 -9.55 -1.55 13.20
C PHE A 291 -9.00 -2.53 14.25
N LYS A 292 -8.84 -2.06 15.48
CA LYS A 292 -8.31 -2.91 16.54
C LYS A 292 -9.23 -4.10 16.81
N SER A 293 -10.54 -3.85 16.86
CA SER A 293 -11.48 -4.94 17.15
C SER A 293 -11.41 -6.01 16.07
N LYS A 294 -11.35 -5.60 14.80
CA LYS A 294 -11.29 -6.59 13.74
C LYS A 294 -9.94 -7.29 13.71
N LEU A 295 -8.87 -6.59 14.06
CA LEU A 295 -7.56 -7.24 14.21
C LEU A 295 -7.61 -8.31 15.29
N GLN A 296 -8.25 -8.01 16.42
CA GLN A 296 -8.38 -8.97 17.50
C GLN A 296 -9.22 -10.17 17.06
N ALA A 297 -10.29 -9.93 16.31
CA ALA A 297 -11.08 -11.04 15.79
C ALA A 297 -10.26 -11.91 14.83
N LEU A 298 -9.42 -11.28 14.00
CA LEU A 298 -8.53 -12.03 13.12
C LEU A 298 -7.54 -12.86 13.93
N LEU A 299 -6.95 -12.26 14.97
CA LEU A 299 -6.02 -13.00 15.82
C LEU A 299 -6.69 -14.20 16.47
N ASN A 300 -7.92 -14.00 16.97
CA ASN A 300 -8.67 -15.11 17.58
C ASN A 300 -8.91 -16.22 16.56
N ALA A 301 -9.19 -15.87 15.31
CA ALA A 301 -9.40 -16.89 14.29
C ALA A 301 -8.09 -17.62 13.96
N LEU A 302 -6.97 -16.88 13.87
CA LEU A 302 -5.67 -17.52 13.65
C LEU A 302 -5.36 -18.53 14.75
N LYS A 303 -5.66 -18.17 16.00
CA LYS A 303 -5.44 -19.10 17.12
C LYS A 303 -6.39 -20.29 17.05
N THR A 304 -7.66 -20.04 16.74
CA THR A 304 -8.62 -21.13 16.60
C THR A 304 -8.21 -22.11 15.51
N ALA A 305 -7.68 -21.59 14.40
CA ALA A 305 -7.23 -22.42 13.29
C ALA A 305 -6.05 -23.30 13.67
N LYS A 306 -5.35 -22.98 14.75
CA LYS A 306 -4.27 -23.84 15.21
C LYS A 306 -4.80 -25.06 15.94
N SER A 307 -5.98 -24.97 16.54
CA SER A 307 -6.47 -26.00 17.44
C SER A 307 -7.59 -26.85 16.85
N ARG A 308 -8.09 -26.55 15.65
CA ARG A 308 -9.21 -27.29 15.11
C ARG A 308 -8.80 -28.70 14.72
N LEU A 309 -9.59 -29.67 15.15
CA LEU A 309 -9.34 -31.05 14.79
C LEU A 309 -9.58 -31.29 13.31
N GLU A 310 -10.63 -30.68 12.77
CA GLU A 310 -10.96 -30.81 11.36
C GLU A 310 -10.34 -29.65 10.58
N LEU A 311 -9.59 -29.99 9.52
CA LEU A 311 -9.04 -28.97 8.63
C LEU A 311 -10.15 -28.08 8.09
N HIS A 312 -11.34 -28.64 7.84
CA HIS A 312 -12.47 -27.85 7.39
C HIS A 312 -12.76 -26.70 8.36
N ASP A 313 -12.79 -27.00 9.66
CA ASP A 313 -13.16 -25.98 10.64
C ASP A 313 -12.07 -24.90 10.77
N ALA A 314 -10.80 -25.31 10.77
CA ALA A 314 -9.73 -24.32 10.82
C ALA A 314 -9.79 -23.40 9.61
N CYS A 315 -10.02 -23.97 8.43
CA CYS A 315 -10.04 -23.18 7.21
C CYS A 315 -11.27 -22.27 7.15
N LYS A 316 -12.42 -22.76 7.60
CA LYS A 316 -13.62 -21.93 7.65
C LYS A 316 -13.42 -20.75 8.61
N ALA A 317 -12.84 -21.02 9.79
CA ALA A 317 -12.54 -19.94 10.72
C ALA A 317 -11.70 -18.87 10.04
N LEU A 318 -10.73 -19.28 9.22
CA LEU A 318 -9.92 -18.27 8.53
C LEU A 318 -10.70 -17.57 7.40
N ALA A 319 -11.48 -18.33 6.63
CA ALA A 319 -12.23 -17.74 5.54
C ALA A 319 -13.18 -16.67 6.02
N ASP A 320 -13.70 -16.82 7.25
CA ASP A 320 -14.57 -15.79 7.81
C ASP A 320 -13.90 -14.43 7.87
N HIS A 321 -12.56 -14.37 7.84
CA HIS A 321 -11.85 -13.10 7.86
C HIS A 321 -11.12 -12.79 6.56
N PHE A 322 -10.82 -13.80 5.73
CA PHE A 322 -10.10 -13.57 4.49
C PHE A 322 -10.99 -13.59 3.24
N GLY A 323 -12.23 -14.07 3.36
CA GLY A 323 -13.15 -14.01 2.24
C GLY A 323 -13.15 -15.26 1.39
N SER A 324 -13.74 -15.12 0.20
CA SER A 324 -14.16 -16.27 -0.59
C SER A 324 -13.01 -17.00 -1.27
N GLU A 325 -11.84 -16.36 -1.41
CA GLU A 325 -10.69 -17.04 -2.01
C GLU A 325 -9.94 -17.95 -1.05
N PHE A 326 -10.26 -17.92 0.25
CA PHE A 326 -9.56 -18.81 1.16
C PHE A 326 -10.15 -20.21 1.07
N PRO A 327 -9.37 -21.23 0.70
CA PRO A 327 -9.93 -22.56 0.47
C PRO A 327 -10.47 -23.16 1.75
N VAL A 328 -11.63 -23.79 1.65
CA VAL A 328 -12.24 -24.50 2.77
C VAL A 328 -12.46 -25.95 2.34
N PRO A 329 -11.54 -26.84 2.65
CA PRO A 329 -11.73 -28.26 2.32
C PRO A 329 -12.98 -28.81 2.98
N GLU A 330 -13.67 -29.70 2.25
CA GLU A 330 -14.88 -30.32 2.77
C GLU A 330 -14.56 -31.25 3.92
N LYS A 331 -15.52 -31.39 4.84
CA LYS A 331 -15.33 -32.17 6.06
C LYS A 331 -15.75 -33.62 5.86
#